data_9ILA
#
_entry.id   9ILA
#
_cell.length_a   99.839
_cell.length_b   99.839
_cell.length_c   35.723
_cell.angle_alpha   90.00
_cell.angle_beta   90.00
_cell.angle_gamma   120.00
#
_symmetry.space_group_name_H-M   'P 31'
#
loop_
_entity.id
_entity.type
_entity.pdbx_description
1 polymer Malectin
2 branched alpha-D-glucopyranose-(1-4)-beta-D-glucopyranose
3 non-polymer '1,4-DIETHYLENE DIOXIDE'
4 non-polymer 'SULFATE ION'
5 water water
#
_entity_poly.entity_id   1
_entity_poly.type   'polypeptide(L)'
_entity_poly.pdbx_seq_one_letter_code
;AGLPESVIWAVNAGGEAHVDVHGIHFRKDPLEGRVGRASDYGMKLPILRSNPEDQILYQTERYNEETFGYEVPIKEEGDY
VLVLKFAEVYFAQSQQKVFDVRLNGHVVVKDLDIFDRVGHSTAHDEIIPMSIRKGKLSVQGEVSTFTGKLYIEFVKGYYD
NPKVCALYIMAGTVDDVPKLQPHP
;
_entity_poly.pdbx_strand_id   A,B
#
# COMPACT_ATOMS: atom_id res chain seq x y z
N ALA A 1 -8.52 26.87 -27.02
CA ALA A 1 -8.41 25.56 -27.63
C ALA A 1 -9.05 24.49 -26.75
N GLY A 2 -9.63 23.47 -27.39
CA GLY A 2 -10.23 22.35 -26.67
C GLY A 2 -9.17 21.56 -25.91
N LEU A 3 -9.62 20.55 -25.14
CA LEU A 3 -8.72 19.90 -24.19
C LEU A 3 -7.51 19.24 -24.85
N PRO A 4 -7.67 18.25 -25.75
CA PRO A 4 -6.47 17.61 -26.29
C PRO A 4 -5.51 18.62 -26.90
N GLU A 5 -6.05 19.59 -27.66
CA GLU A 5 -5.19 20.53 -28.38
C GLU A 5 -4.46 21.49 -27.45
N SER A 6 -4.91 21.66 -26.21
CA SER A 6 -4.26 22.57 -25.28
C SER A 6 -3.15 21.90 -24.44
N VAL A 7 -2.94 20.58 -24.55
CA VAL A 7 -1.92 19.89 -23.75
C VAL A 7 -0.58 19.95 -24.47
N ILE A 8 0.44 20.53 -23.81
CA ILE A 8 1.79 20.69 -24.40
C ILE A 8 2.79 19.58 -23.99
N TRP A 9 2.53 18.83 -22.90
CA TRP A 9 3.48 17.89 -22.30
C TRP A 9 2.74 16.96 -21.33
N ALA A 10 2.95 15.63 -21.41
CA ALA A 10 2.24 14.70 -20.52
C ALA A 10 2.97 13.35 -20.39
N VAL A 11 3.05 12.79 -19.17
CA VAL A 11 3.84 11.58 -18.88
C VAL A 11 3.05 10.58 -18.03
N ASN A 12 3.08 9.29 -18.41
CA ASN A 12 2.68 8.16 -17.55
C ASN A 12 3.90 7.60 -16.83
N ALA A 13 4.12 8.02 -15.58
CA ALA A 13 5.32 7.61 -14.84
C ALA A 13 5.31 6.11 -14.54
N GLY A 14 6.46 5.47 -14.76
CA GLY A 14 6.62 4.03 -14.62
C GLY A 14 5.87 3.19 -15.63
N GLY A 15 5.36 3.78 -16.73
CA GLY A 15 4.50 3.05 -17.64
C GLY A 15 4.67 3.33 -19.11
N GLU A 16 3.78 2.74 -19.93
CA GLU A 16 3.73 2.89 -21.38
C GLU A 16 2.69 3.94 -21.77
N ALA A 17 2.59 4.24 -23.07
CA ALA A 17 1.62 5.23 -23.55
C ALA A 17 0.18 4.83 -23.20
N HIS A 18 -0.65 5.84 -22.87
CA HIS A 18 -2.08 5.65 -22.61
C HIS A 18 -2.86 6.91 -22.96
N VAL A 19 -3.97 6.75 -23.71
CA VAL A 19 -4.88 7.86 -24.05
C VAL A 19 -6.11 7.79 -23.13
N ASP A 20 -6.38 8.86 -22.38
CA ASP A 20 -7.44 8.85 -21.37
C ASP A 20 -8.80 9.22 -21.99
N VAL A 21 -9.86 9.25 -21.17
CA VAL A 21 -11.22 9.41 -21.71
C VAL A 21 -11.46 10.80 -22.33
N HIS A 22 -10.65 11.80 -21.99
CA HIS A 22 -10.73 13.12 -22.62
C HIS A 22 -9.91 13.23 -23.91
N GLY A 23 -9.16 12.20 -24.27
CA GLY A 23 -8.28 12.27 -25.42
C GLY A 23 -6.87 12.73 -25.14
N ILE A 24 -6.44 12.75 -23.87
CA ILE A 24 -5.10 13.19 -23.50
C ILE A 24 -4.14 12.00 -23.58
N HIS A 25 -3.07 12.16 -24.38
CA HIS A 25 -2.00 11.17 -24.55
C HIS A 25 -0.95 11.36 -23.46
N PHE A 26 -0.89 10.43 -22.49
CA PHE A 26 0.20 10.37 -21.52
C PHE A 26 1.34 9.53 -22.12
N ARG A 27 2.49 10.15 -22.40
CA ARG A 27 3.60 9.49 -23.09
C ARG A 27 4.30 8.46 -22.20
N LYS A 28 4.95 7.47 -22.82
CA LYS A 28 5.79 6.54 -22.07
C LYS A 28 6.89 7.29 -21.32
N ASP A 29 7.25 6.77 -20.13
CA ASP A 29 8.10 7.51 -19.19
C ASP A 29 9.48 7.86 -19.77
N PRO A 30 9.86 9.14 -19.89
CA PRO A 30 11.20 9.47 -20.42
C PRO A 30 12.35 9.19 -19.45
N LEU A 31 12.07 8.94 -18.18
CA LEU A 31 13.12 8.56 -17.23
C LEU A 31 13.33 7.05 -17.12
N GLU A 32 12.76 6.25 -18.02
CA GLU A 32 13.03 4.80 -18.04
C GLU A 32 14.52 4.53 -18.13
N GLY A 33 15.03 3.73 -17.19
CA GLY A 33 16.46 3.41 -17.15
C GLY A 33 17.36 4.51 -16.62
N ARG A 34 16.80 5.65 -16.19
CA ARG A 34 17.56 6.73 -15.60
C ARG A 34 17.30 6.80 -14.09
N VAL A 35 17.20 8.01 -13.54
CA VAL A 35 17.09 8.15 -12.09
C VAL A 35 15.72 7.64 -11.62
N GLY A 36 15.68 7.13 -10.39
CA GLY A 36 14.47 6.58 -9.81
C GLY A 36 14.23 5.13 -10.19
N ARG A 37 13.08 4.61 -9.76
CA ARG A 37 12.70 3.21 -9.97
C ARG A 37 11.25 3.09 -10.41
N ALA A 38 11.02 2.41 -11.53
CA ALA A 38 9.66 2.10 -11.98
C ALA A 38 9.08 0.93 -11.19
N SER A 39 7.77 0.99 -10.89
CA SER A 39 7.07 -0.13 -10.27
C SER A 39 5.65 -0.28 -10.81
N ASP A 40 5.29 -1.51 -11.22
CA ASP A 40 3.93 -1.87 -11.59
C ASP A 40 3.20 -2.66 -10.51
N TYR A 41 3.61 -2.50 -9.25
CA TYR A 41 2.98 -3.23 -8.13
C TYR A 41 1.48 -2.99 -8.07
N GLY A 42 1.02 -1.77 -8.36
CA GLY A 42 -0.40 -1.45 -8.26
C GLY A 42 -1.30 -2.11 -9.32
N MET A 43 -0.73 -2.78 -10.33
CA MET A 43 -1.57 -3.35 -11.38
C MET A 43 -2.44 -4.51 -10.89
N LYS A 44 -2.23 -4.99 -9.67
CA LYS A 44 -3.08 -6.00 -9.08
C LYS A 44 -4.30 -5.43 -8.36
N LEU A 45 -4.43 -4.11 -8.26
CA LEU A 45 -5.40 -3.46 -7.39
C LEU A 45 -6.42 -2.64 -8.17
N PRO A 46 -7.72 -2.75 -7.86
CA PRO A 46 -8.67 -1.74 -8.35
C PRO A 46 -8.37 -0.38 -7.74
N ILE A 47 -8.45 0.69 -8.56
CA ILE A 47 -8.19 2.05 -8.10
C ILE A 47 -9.52 2.78 -7.96
N LEU A 48 -9.91 3.11 -6.73
CA LEU A 48 -11.16 3.81 -6.49
C LEU A 48 -11.10 5.27 -6.92
N ARG A 49 -12.27 5.83 -7.24
CA ARG A 49 -12.51 7.24 -7.56
C ARG A 49 -12.16 7.55 -9.02
N SER A 50 -11.09 6.95 -9.53
CA SER A 50 -10.69 7.07 -10.94
C SER A 50 -11.74 6.50 -11.89
N ASN A 51 -11.80 7.07 -13.09
CA ASN A 51 -12.53 6.42 -14.16
C ASN A 51 -11.91 5.04 -14.44
N PRO A 52 -12.72 3.98 -14.55
CA PRO A 52 -12.12 2.63 -14.65
C PRO A 52 -11.30 2.38 -15.91
N GLU A 53 -11.59 3.05 -17.03
CA GLU A 53 -10.77 2.82 -18.21
C GLU A 53 -9.37 3.44 -18.10
N ASP A 54 -9.12 4.28 -17.10
CA ASP A 54 -7.85 4.98 -16.96
C ASP A 54 -7.07 4.56 -15.70
N GLN A 55 -7.43 3.44 -15.08
CA GLN A 55 -6.77 3.06 -13.81
C GLN A 55 -5.28 2.81 -14.00
N ILE A 56 -4.84 2.41 -15.20
CA ILE A 56 -3.43 2.07 -15.41
C ILE A 56 -2.51 3.26 -15.09
N LEU A 57 -3.01 4.51 -15.20
CA LEU A 57 -2.19 5.67 -14.87
C LEU A 57 -1.76 5.65 -13.41
N TYR A 58 -2.68 5.25 -12.52
CA TYR A 58 -2.48 5.21 -11.06
C TYR A 58 -1.86 3.89 -10.57
N GLN A 59 -1.94 2.81 -11.36
CA GLN A 59 -1.37 1.51 -11.04
C GLN A 59 0.13 1.41 -11.33
N THR A 60 0.71 2.38 -12.03
CA THR A 60 2.15 2.47 -12.32
C THR A 60 2.73 3.75 -11.73
N GLU A 61 3.98 3.69 -11.26
CA GLU A 61 4.63 4.81 -10.56
C GLU A 61 6.14 4.84 -10.85
N ARG A 62 6.75 6.02 -10.58
CA ARG A 62 8.19 6.16 -10.35
C ARG A 62 8.41 6.69 -8.92
N TYR A 63 9.30 6.03 -8.15
CA TYR A 63 9.65 6.45 -6.78
C TYR A 63 11.16 6.42 -6.59
N ASN A 64 11.66 6.97 -5.48
CA ASN A 64 13.10 6.96 -5.21
C ASN A 64 13.39 7.18 -3.72
N GLU A 65 14.55 6.67 -3.26
CA GLU A 65 15.01 6.88 -1.88
C GLU A 65 15.75 8.20 -1.69
N GLU A 66 15.99 8.96 -2.77
CA GLU A 66 16.56 10.29 -2.72
C GLU A 66 15.72 11.20 -3.62
N THR A 67 15.89 12.52 -3.47
CA THR A 67 15.16 13.49 -4.30
C THR A 67 15.39 13.24 -5.80
N PHE A 68 14.34 13.42 -6.62
CA PHE A 68 14.42 13.26 -8.07
C PHE A 68 13.40 14.18 -8.75
N GLY A 69 13.53 14.37 -10.08
CA GLY A 69 12.61 15.26 -10.79
C GLY A 69 12.62 15.16 -12.31
N TYR A 70 11.65 15.85 -12.94
CA TYR A 70 11.52 15.97 -14.40
C TYR A 70 11.83 17.39 -14.87
N GLU A 71 12.63 17.51 -15.93
CA GLU A 71 12.88 18.79 -16.61
C GLU A 71 11.95 18.93 -17.82
N VAL A 72 11.29 20.08 -17.95
CA VAL A 72 10.27 20.33 -18.98
C VAL A 72 10.64 21.57 -19.78
N PRO A 73 10.74 21.50 -21.12
CA PRO A 73 10.90 22.73 -21.91
C PRO A 73 9.54 23.41 -22.15
N ILE A 74 9.49 24.74 -21.97
CA ILE A 74 8.31 25.56 -22.27
C ILE A 74 8.68 26.59 -23.33
N LYS A 75 8.08 26.48 -24.52
CA LYS A 75 8.55 27.26 -25.66
C LYS A 75 7.91 28.64 -25.80
N GLU A 76 6.69 28.87 -25.29
CA GLU A 76 6.02 30.17 -25.44
C GLU A 76 5.48 30.70 -24.10
N GLU A 77 5.41 32.02 -24.00
CA GLU A 77 4.80 32.68 -22.84
C GLU A 77 3.28 32.41 -22.81
N GLY A 78 2.70 32.48 -21.60
CA GLY A 78 1.26 32.36 -21.45
C GLY A 78 0.86 31.80 -20.09
N ASP A 79 -0.44 31.52 -19.95
CA ASP A 79 -1.01 30.90 -18.76
C ASP A 79 -1.07 29.38 -18.90
N TYR A 80 -0.67 28.66 -17.84
CA TYR A 80 -0.63 27.19 -17.85
C TYR A 80 -1.16 26.63 -16.53
N VAL A 81 -1.55 25.35 -16.53
CA VAL A 81 -1.89 24.61 -15.31
C VAL A 81 -1.16 23.27 -15.32
N LEU A 82 -0.43 22.96 -14.23
CA LEU A 82 0.20 21.67 -13.99
C LEU A 82 -0.70 20.78 -13.14
N VAL A 83 -0.98 19.56 -13.60
CA VAL A 83 -1.77 18.56 -12.88
C VAL A 83 -0.87 17.36 -12.53
N LEU A 84 -0.84 16.97 -11.25
CA LEU A 84 -0.04 15.85 -10.75
C LEU A 84 -0.97 14.77 -10.18
N LYS A 85 -0.81 13.51 -10.63
CA LYS A 85 -1.68 12.39 -10.25
C LYS A 85 -0.96 11.38 -9.35
N PHE A 86 -1.61 10.99 -8.22
CA PHE A 86 -1.02 10.10 -7.21
C PHE A 86 -2.01 9.02 -6.72
N ALA A 87 -1.46 7.90 -6.22
CA ALA A 87 -2.19 6.91 -5.42
C ALA A 87 -1.23 6.22 -4.45
N GLU A 88 -1.75 5.88 -3.25
CA GLU A 88 -0.97 5.11 -2.24
C GLU A 88 -1.36 3.63 -2.35
N VAL A 89 -0.47 2.81 -2.94
CA VAL A 89 -0.78 1.40 -3.18
C VAL A 89 -0.07 0.48 -2.18
N TYR A 90 0.53 1.02 -1.12
CA TYR A 90 1.21 0.17 -0.11
C TYR A 90 0.73 0.43 1.34
N PHE A 91 0.82 1.66 1.83
CA PHE A 91 0.46 1.99 3.21
C PHE A 91 -1.05 2.27 3.38
N ALA A 92 -1.52 2.16 4.65
CA ALA A 92 -2.92 2.44 4.98
C ALA A 92 -3.05 3.04 6.39
N GLN A 93 -2.10 3.91 6.76
CA GLN A 93 -2.17 4.77 7.94
C GLN A 93 -1.53 6.12 7.59
N SER A 94 -1.88 7.17 8.34
CA SER A 94 -1.27 8.47 8.10
C SER A 94 0.14 8.54 8.70
N GLN A 95 0.91 9.54 8.24
CA GLN A 95 2.30 9.75 8.65
C GLN A 95 3.18 8.50 8.44
N GLN A 96 3.01 7.83 7.29
CA GLN A 96 3.92 6.77 6.88
C GLN A 96 4.77 7.16 5.68
N LYS A 97 4.14 7.70 4.62
CA LYS A 97 4.82 8.32 3.47
C LYS A 97 4.37 9.78 3.36
N VAL A 98 5.33 10.72 3.47
CA VAL A 98 5.07 12.16 3.42
C VAL A 98 6.23 12.84 2.67
N PHE A 99 5.91 13.77 1.74
CA PHE A 99 6.97 14.45 0.97
C PHE A 99 6.50 15.80 0.40
N ASP A 100 7.47 16.68 0.12
CA ASP A 100 7.22 17.97 -0.52
C ASP A 100 7.33 17.86 -2.06
N VAL A 101 6.65 18.79 -2.76
CA VAL A 101 6.81 18.99 -4.20
C VAL A 101 7.30 20.43 -4.45
N ARG A 102 8.36 20.57 -5.26
CA ARG A 102 8.96 21.87 -5.59
C ARG A 102 8.94 22.14 -7.10
N LEU A 103 8.78 23.43 -7.46
CA LEU A 103 8.82 23.89 -8.84
C LEU A 103 9.86 25.00 -8.95
N ASN A 104 10.96 24.74 -9.65
CA ASN A 104 12.08 25.70 -9.73
C ASN A 104 12.46 26.23 -8.35
N GLY A 105 12.39 25.36 -7.35
CA GLY A 105 12.74 25.71 -5.99
C GLY A 105 11.61 26.18 -5.11
N HIS A 106 10.50 26.65 -5.69
CA HIS A 106 9.33 27.05 -4.89
C HIS A 106 8.61 25.81 -4.36
N VAL A 107 8.36 25.75 -3.05
CA VAL A 107 7.56 24.66 -2.50
C VAL A 107 6.10 24.90 -2.85
N VAL A 108 5.51 24.04 -3.68
CA VAL A 108 4.13 24.21 -4.12
C VAL A 108 3.16 23.22 -3.48
N VAL A 109 3.65 22.10 -2.92
CA VAL A 109 2.84 21.23 -2.06
C VAL A 109 3.70 20.87 -0.84
N LYS A 110 3.24 21.25 0.35
CA LYS A 110 3.99 21.00 1.58
C LYS A 110 3.39 19.81 2.35
N ASP A 111 4.25 18.82 2.67
CA ASP A 111 3.86 17.65 3.49
C ASP A 111 2.68 16.87 2.90
N LEU A 112 2.80 16.50 1.62
CA LEU A 112 1.77 15.65 0.98
C LEU A 112 1.75 14.25 1.60
N ASP A 113 0.61 13.85 2.15
CA ASP A 113 0.34 12.53 2.73
C ASP A 113 -0.86 11.97 1.97
N ILE A 114 -0.58 11.20 0.90
CA ILE A 114 -1.62 10.74 -0.02
C ILE A 114 -2.70 9.95 0.75
N PHE A 115 -2.29 8.99 1.60
CA PHE A 115 -3.28 8.21 2.34
C PHE A 115 -4.19 9.09 3.18
N ASP A 116 -3.63 10.09 3.90
CA ASP A 116 -4.45 10.91 4.79
C ASP A 116 -5.56 11.64 4.01
N ARG A 117 -5.25 12.07 2.77
CA ARG A 117 -6.21 12.83 1.96
C ARG A 117 -7.31 11.97 1.35
N VAL A 118 -7.02 10.74 0.91
CA VAL A 118 -8.00 9.97 0.14
C VAL A 118 -8.18 8.49 0.52
N GLY A 119 -7.29 7.92 1.34
CA GLY A 119 -7.33 6.50 1.68
C GLY A 119 -6.36 5.65 0.86
N HIS A 120 -6.54 4.31 0.97
CA HIS A 120 -5.70 3.31 0.29
C HIS A 120 -6.24 3.01 -1.11
N SER A 121 -5.33 2.90 -2.10
CA SER A 121 -5.67 2.50 -3.48
C SER A 121 -6.76 3.38 -4.11
N THR A 122 -6.62 4.71 -3.96
CA THR A 122 -7.60 5.72 -4.38
C THR A 122 -6.89 6.91 -5.04
N ALA A 123 -7.45 7.43 -6.13
CA ALA A 123 -6.86 8.56 -6.86
C ALA A 123 -6.89 9.87 -6.07
N HIS A 124 -5.77 10.63 -6.12
CA HIS A 124 -5.63 12.00 -5.60
C HIS A 124 -4.84 12.86 -6.58
N ASP A 125 -5.37 14.04 -6.96
CA ASP A 125 -4.68 14.97 -7.87
C ASP A 125 -4.39 16.33 -7.19
N GLU A 126 -3.22 16.92 -7.49
CA GLU A 126 -2.88 18.30 -7.13
C GLU A 126 -2.92 19.17 -8.39
N ILE A 127 -3.55 20.35 -8.29
CA ILE A 127 -3.78 21.25 -9.42
C ILE A 127 -3.07 22.59 -9.12
N ILE A 128 -2.10 22.96 -9.96
CA ILE A 128 -1.16 24.04 -9.68
C ILE A 128 -1.16 25.04 -10.85
N PRO A 129 -1.87 26.17 -10.75
CA PRO A 129 -1.83 27.18 -11.82
C PRO A 129 -0.53 28.01 -11.81
N MET A 130 -0.10 28.43 -13.00
CA MET A 130 1.15 29.20 -13.14
C MET A 130 1.05 30.13 -14.34
N SER A 131 1.94 31.13 -14.37
CA SER A 131 2.01 32.05 -15.51
C SER A 131 3.48 32.33 -15.87
N ILE A 132 3.76 32.44 -17.18
CA ILE A 132 5.10 32.71 -17.69
C ILE A 132 5.02 33.96 -18.57
N ARG A 133 5.63 35.07 -18.13
CA ARG A 133 5.56 36.33 -18.86
C ARG A 133 6.66 37.27 -18.39
N LYS A 134 7.12 38.12 -19.30
CA LYS A 134 8.13 39.16 -19.00
C LYS A 134 9.41 38.57 -18.41
N GLY A 135 9.75 37.35 -18.81
CA GLY A 135 10.93 36.68 -18.33
C GLY A 135 10.81 36.03 -16.96
N LYS A 136 9.59 35.90 -16.42
CA LYS A 136 9.38 35.40 -15.06
C LYS A 136 8.42 34.22 -15.00
N LEU A 137 8.64 33.34 -14.03
CA LEU A 137 7.66 32.34 -13.58
C LEU A 137 6.92 32.87 -12.35
N SER A 138 5.58 32.83 -12.39
CA SER A 138 4.73 33.19 -11.25
C SER A 138 3.92 31.97 -10.81
N VAL A 139 4.04 31.59 -9.54
CA VAL A 139 3.30 30.44 -8.99
C VAL A 139 3.07 30.68 -7.48
N GLN A 140 1.82 30.52 -7.06
CA GLN A 140 1.38 30.69 -5.68
C GLN A 140 1.89 31.97 -5.04
N GLY A 141 1.76 33.08 -5.77
CA GLY A 141 2.14 34.36 -5.22
C GLY A 141 3.63 34.62 -5.14
N GLU A 142 4.47 33.73 -5.66
CA GLU A 142 5.92 33.91 -5.69
C GLU A 142 6.40 34.08 -7.13
N VAL A 143 7.59 34.68 -7.29
CA VAL A 143 8.13 35.04 -8.62
C VAL A 143 9.64 34.77 -8.68
N SER A 144 10.11 34.19 -9.80
CA SER A 144 11.55 34.01 -10.06
C SER A 144 11.85 34.03 -11.57
N THR A 145 13.13 34.14 -11.91
CA THR A 145 13.55 34.22 -13.31
C THR A 145 13.33 32.91 -14.06
N PHE A 146 12.74 32.98 -15.26
CA PHE A 146 12.50 31.80 -16.08
C PHE A 146 13.44 31.78 -17.29
N THR A 147 14.15 30.65 -17.47
CA THR A 147 15.21 30.49 -18.46
C THR A 147 14.82 29.63 -19.65
N GLY A 148 13.63 29.06 -19.66
CA GLY A 148 13.20 28.12 -20.70
C GLY A 148 12.86 26.73 -20.20
N LYS A 149 13.27 26.37 -18.98
CA LYS A 149 13.10 25.04 -18.40
C LYS A 149 12.38 25.12 -17.06
N LEU A 150 11.41 24.23 -16.85
CA LEU A 150 10.76 24.02 -15.56
C LEU A 150 11.27 22.73 -14.93
N TYR A 151 11.65 22.77 -13.64
CA TYR A 151 12.14 21.58 -12.93
C TYR A 151 11.15 21.21 -11.82
N ILE A 152 10.49 20.06 -12.00
CA ILE A 152 9.45 19.54 -11.10
C ILE A 152 10.09 18.46 -10.22
N GLU A 153 10.26 18.71 -8.92
CA GLU A 153 10.99 17.71 -8.12
C GLU A 153 10.18 17.24 -6.91
N PHE A 154 10.42 15.99 -6.56
CA PHE A 154 9.74 15.27 -5.48
C PHE A 154 10.79 14.96 -4.42
N VAL A 155 10.64 15.57 -3.23
CA VAL A 155 11.75 15.76 -2.28
C VAL A 155 11.74 14.67 -1.20
N LYS A 156 12.90 14.04 -0.96
CA LYS A 156 13.02 13.03 0.10
C LYS A 156 13.08 13.66 1.50
N GLY A 157 12.11 13.32 2.34
CA GLY A 157 12.14 13.72 3.75
C GLY A 157 12.39 12.55 4.69
N TYR A 158 11.82 12.60 5.90
CA TYR A 158 12.05 11.55 6.89
C TYR A 158 11.08 10.37 6.82
N TYR A 159 9.92 10.49 6.13
CA TYR A 159 8.87 9.47 6.12
C TYR A 159 8.76 8.78 4.74
N ASP A 160 9.42 7.63 4.57
CA ASP A 160 9.44 6.79 3.36
C ASP A 160 9.82 7.63 2.12
N ASN A 161 9.32 7.26 0.93
CA ASN A 161 9.91 7.68 -0.36
C ASN A 161 8.96 8.54 -1.19
N PRO A 162 9.47 9.63 -1.78
CA PRO A 162 8.65 10.40 -2.76
C PRO A 162 8.31 9.59 -4.01
N LYS A 163 7.14 9.88 -4.61
CA LYS A 163 6.63 9.16 -5.78
C LYS A 163 5.69 10.04 -6.61
N VAL A 164 5.46 9.63 -7.87
CA VAL A 164 4.43 10.23 -8.74
C VAL A 164 3.91 9.15 -9.71
N CYS A 165 2.61 9.26 -10.09
CA CYS A 165 2.00 8.29 -11.01
C CYS A 165 1.80 8.83 -12.45
N ALA A 166 1.34 10.07 -12.63
CA ALA A 166 1.21 10.69 -13.95
C ALA A 166 1.19 12.21 -13.80
N LEU A 167 1.43 12.92 -14.91
CA LEU A 167 1.46 14.38 -14.84
C LEU A 167 1.28 15.01 -16.23
N TYR A 168 0.62 16.19 -16.27
CA TYR A 168 0.47 16.91 -17.55
C TYR A 168 0.39 18.42 -17.33
N ILE A 169 0.70 19.17 -18.40
CA ILE A 169 0.62 20.64 -18.43
C ILE A 169 -0.27 21.08 -19.60
N MET A 170 -1.29 21.90 -19.32
CA MET A 170 -2.16 22.44 -20.36
C MET A 170 -2.12 23.97 -20.37
N ALA A 171 -2.35 24.56 -21.54
CA ALA A 171 -2.57 26.00 -21.63
C ALA A 171 -3.99 26.38 -21.20
N GLY A 172 -4.11 27.37 -20.30
CA GLY A 172 -5.39 27.82 -19.80
C GLY A 172 -5.31 28.18 -18.32
N THR A 173 -6.49 28.28 -17.69
CA THR A 173 -6.64 28.59 -16.27
C THR A 173 -7.43 27.49 -15.55
N VAL A 174 -7.57 27.64 -14.23
CA VAL A 174 -8.03 26.55 -13.38
C VAL A 174 -9.45 26.06 -13.75
N ASP A 175 -10.32 26.96 -14.23
CA ASP A 175 -11.68 26.55 -14.57
C ASP A 175 -11.72 25.61 -15.79
N ASP A 176 -10.64 25.52 -16.57
CA ASP A 176 -10.59 24.67 -17.76
C ASP A 176 -10.21 23.22 -17.46
N VAL A 177 -9.75 22.91 -16.24
CA VAL A 177 -9.18 21.61 -15.89
C VAL A 177 -10.27 20.63 -15.45
N PRO A 178 -10.31 19.41 -16.00
CA PRO A 178 -11.22 18.38 -15.45
C PRO A 178 -10.88 18.03 -14.00
N LYS A 179 -11.91 17.95 -13.15
CA LYS A 179 -11.77 17.66 -11.73
C LYS A 179 -12.22 16.23 -11.42
N LEU A 180 -11.53 15.59 -10.47
CA LEU A 180 -11.99 14.31 -9.93
C LEU A 180 -13.32 14.51 -9.17
N GLN A 181 -14.11 13.44 -9.06
CA GLN A 181 -15.38 13.53 -8.35
C GLN A 181 -15.15 13.80 -6.85
N PRO A 182 -16.09 14.50 -6.20
CA PRO A 182 -15.95 14.70 -4.74
C PRO A 182 -15.88 13.37 -4.01
N HIS A 183 -15.06 13.30 -2.95
CA HIS A 183 -14.77 12.02 -2.30
C HIS A 183 -14.63 12.15 -0.79
N PRO A 184 -15.28 11.26 0.00
CA PRO A 184 -15.28 11.18 1.47
C PRO A 184 -13.91 11.03 2.08
N ALA B 1 -16.46 2.00 9.80
CA ALA B 1 -16.04 1.95 8.40
C ALA B 1 -16.21 0.53 7.84
N GLY B 2 -16.54 0.43 6.55
CA GLY B 2 -16.66 -0.87 5.90
C GLY B 2 -15.34 -1.62 5.91
N LEU B 3 -15.39 -2.87 5.44
CA LEU B 3 -14.25 -3.77 5.59
C LEU B 3 -12.95 -3.25 4.98
N PRO B 4 -12.86 -3.03 3.66
CA PRO B 4 -11.57 -2.61 3.12
C PRO B 4 -11.02 -1.39 3.83
N GLU B 5 -11.87 -0.39 4.08
CA GLU B 5 -11.40 0.87 4.65
C GLU B 5 -10.97 0.74 6.10
N SER B 6 -11.35 -0.33 6.80
CA SER B 6 -10.96 -0.52 8.19
C SER B 6 -9.65 -1.29 8.37
N VAL B 7 -9.04 -1.80 7.29
CA VAL B 7 -7.81 -2.59 7.39
C VAL B 7 -6.59 -1.66 7.35
N ILE B 8 -5.75 -1.71 8.41
CA ILE B 8 -4.56 -0.84 8.51
C ILE B 8 -3.25 -1.51 8.07
N TRP B 9 -3.19 -2.84 7.99
CA TRP B 9 -1.96 -3.62 7.77
C TRP B 9 -2.32 -5.07 7.39
N ALA B 10 -1.72 -5.62 6.32
CA ALA B 10 -2.06 -6.99 5.88
C ALA B 10 -0.94 -7.61 5.02
N VAL B 11 -0.61 -8.90 5.26
CA VAL B 11 0.55 -9.57 4.62
C VAL B 11 0.17 -10.96 4.10
N ASN B 12 0.58 -11.28 2.86
CA ASN B 12 0.59 -12.66 2.33
C ASN B 12 1.97 -13.27 2.54
N ALA B 13 2.12 -14.08 3.61
CA ALA B 13 3.44 -14.62 3.96
C ALA B 13 3.92 -15.63 2.92
N GLY B 14 5.21 -15.52 2.54
CA GLY B 14 5.80 -16.31 1.47
C GLY B 14 5.28 -16.05 0.07
N GLY B 15 4.51 -14.98 -0.15
CA GLY B 15 3.86 -14.77 -1.43
C GLY B 15 3.83 -13.36 -2.00
N GLU B 16 3.12 -13.18 -3.11
CA GLU B 16 2.94 -11.90 -3.78
C GLU B 16 1.60 -11.26 -3.38
N ALA B 17 1.32 -10.06 -3.91
CA ALA B 17 0.07 -9.38 -3.57
C ALA B 17 -1.16 -10.19 -4.00
N HIS B 18 -2.22 -10.13 -3.20
CA HIS B 18 -3.51 -10.76 -3.52
C HIS B 18 -4.66 -9.99 -2.89
N VAL B 19 -5.71 -9.71 -3.67
CA VAL B 19 -6.94 -9.07 -3.16
C VAL B 19 -8.02 -10.15 -2.99
N ASP B 20 -8.54 -10.30 -1.76
CA ASP B 20 -9.49 -11.37 -1.44
C ASP B 20 -10.93 -10.96 -1.79
N VAL B 21 -11.91 -11.86 -1.56
CA VAL B 21 -13.28 -11.63 -2.04
C VAL B 21 -13.99 -10.48 -1.33
N HIS B 22 -13.50 -10.07 -0.14
CA HIS B 22 -14.03 -8.89 0.57
C HIS B 22 -13.38 -7.58 0.14
N GLY B 23 -12.36 -7.63 -0.72
CA GLY B 23 -11.62 -6.44 -1.11
C GLY B 23 -10.40 -6.14 -0.26
N ILE B 24 -9.93 -7.07 0.57
CA ILE B 24 -8.75 -6.87 1.41
C ILE B 24 -7.48 -7.19 0.61
N HIS B 25 -6.56 -6.21 0.55
CA HIS B 25 -5.26 -6.34 -0.12
C HIS B 25 -4.24 -6.92 0.87
N PHE B 26 -3.85 -8.18 0.66
CA PHE B 26 -2.73 -8.79 1.38
C PHE B 26 -1.43 -8.47 0.62
N ARG B 27 -0.56 -7.65 1.24
CA ARG B 27 0.66 -7.16 0.60
C ARG B 27 1.71 -8.27 0.40
N LYS B 28 2.57 -8.10 -0.60
CA LYS B 28 3.71 -9.00 -0.76
C LYS B 28 4.58 -9.01 0.50
N ASP B 29 5.17 -10.17 0.82
CA ASP B 29 5.80 -10.41 2.13
C ASP B 29 6.97 -9.45 2.39
N PRO B 30 6.92 -8.62 3.43
CA PRO B 30 8.07 -7.72 3.71
C PRO B 30 9.31 -8.41 4.27
N LEU B 31 9.21 -9.66 4.72
CA LEU B 31 10.39 -10.41 5.16
C LEU B 31 11.06 -11.22 4.04
N GLU B 32 10.72 -10.98 2.77
CA GLU B 32 11.43 -11.63 1.66
C GLU B 32 12.92 -11.35 1.73
N GLY B 33 13.72 -12.43 1.71
CA GLY B 33 15.16 -12.33 1.79
C GLY B 33 15.73 -12.03 3.16
N ARG B 34 14.88 -11.98 4.19
CA ARG B 34 15.33 -11.72 5.56
C ARG B 34 15.13 -12.98 6.41
N VAL B 35 14.68 -12.84 7.65
CA VAL B 35 14.60 -14.00 8.55
C VAL B 35 13.50 -14.95 8.06
N GLY B 36 13.73 -16.26 8.28
CA GLY B 36 12.79 -17.30 7.90
C GLY B 36 12.99 -17.76 6.47
N ARG B 37 12.08 -18.66 6.04
CA ARG B 37 12.13 -19.29 4.72
C ARG B 37 10.76 -19.29 4.06
N ALA B 38 10.67 -18.73 2.85
CA ALA B 38 9.44 -18.82 2.05
C ALA B 38 9.29 -20.19 1.42
N SER B 39 8.06 -20.70 1.33
CA SER B 39 7.77 -21.94 0.60
C SER B 39 6.44 -21.87 -0.13
N ASP B 40 6.45 -22.25 -1.42
CA ASP B 40 5.25 -22.42 -2.23
C ASP B 40 4.88 -23.89 -2.44
N TYR B 41 5.30 -24.78 -1.53
CA TYR B 41 5.01 -26.20 -1.62
C TYR B 41 3.51 -26.48 -1.76
N GLY B 42 2.67 -25.74 -1.03
CA GLY B 42 1.24 -25.97 -1.04
C GLY B 42 0.50 -25.61 -2.34
N MET B 43 1.16 -24.97 -3.31
CA MET B 43 0.49 -24.55 -4.54
C MET B 43 0.03 -25.73 -5.39
N LYS B 44 0.48 -26.95 -5.09
CA LYS B 44 0.02 -28.14 -5.77
C LYS B 44 -1.27 -28.73 -5.19
N LEU B 45 -1.79 -28.17 -4.10
CA LEU B 45 -2.84 -28.79 -3.29
C LEU B 45 -4.13 -27.96 -3.29
N PRO B 46 -5.30 -28.57 -3.50
CA PRO B 46 -6.55 -27.87 -3.17
C PRO B 46 -6.66 -27.63 -1.67
N ILE B 47 -7.10 -26.42 -1.28
CA ILE B 47 -7.23 -26.06 0.13
C ILE B 47 -8.72 -26.09 0.50
N LEU B 48 -9.10 -27.03 1.36
CA LEU B 48 -10.50 -27.16 1.78
C LEU B 48 -10.91 -26.03 2.74
N ARG B 49 -12.21 -25.74 2.75
CA ARG B 49 -12.89 -24.82 3.67
C ARG B 49 -12.75 -23.36 3.20
N SER B 50 -11.59 -22.99 2.67
CA SER B 50 -11.35 -21.67 2.10
C SER B 50 -12.23 -21.42 0.86
N ASN B 51 -12.50 -20.14 0.61
CA ASN B 51 -13.08 -19.74 -0.66
C ASN B 51 -12.09 -20.09 -1.76
N PRO B 52 -12.52 -20.71 -2.87
CA PRO B 52 -11.54 -21.17 -3.88
C PRO B 52 -10.77 -20.06 -4.57
N GLU B 53 -11.34 -18.86 -4.71
CA GLU B 53 -10.60 -17.77 -5.32
C GLU B 53 -9.43 -17.27 -4.46
N ASP B 54 -9.40 -17.63 -3.19
CA ASP B 54 -8.40 -17.11 -2.26
C ASP B 54 -7.46 -18.20 -1.73
N GLN B 55 -7.43 -19.38 -2.37
CA GLN B 55 -6.59 -20.47 -1.87
C GLN B 55 -5.10 -20.09 -1.82
N ILE B 56 -4.63 -19.20 -2.71
CA ILE B 56 -3.21 -18.87 -2.78
C ILE B 56 -2.68 -18.35 -1.43
N LEU B 57 -3.54 -17.73 -0.61
CA LEU B 57 -3.09 -17.24 0.69
C LEU B 57 -2.59 -18.38 1.58
N TYR B 58 -3.30 -19.52 1.56
CA TYR B 58 -2.99 -20.71 2.35
C TYR B 58 -1.97 -21.65 1.70
N GLN B 59 -1.75 -21.53 0.37
CA GLN B 59 -0.78 -22.34 -0.36
C GLN B 59 0.65 -21.83 -0.28
N THR B 60 0.87 -20.63 0.26
CA THR B 60 2.19 -20.03 0.46
C THR B 60 2.39 -19.74 1.96
N GLU B 61 3.63 -19.89 2.45
CA GLU B 61 3.94 -19.73 3.89
C GLU B 61 5.34 -19.14 4.11
N ARG B 62 5.56 -18.63 5.33
CA ARG B 62 6.91 -18.45 5.89
C ARG B 62 7.05 -19.32 7.15
N TYR B 63 8.15 -20.10 7.24
CA TYR B 63 8.45 -20.96 8.39
C TYR B 63 9.92 -20.80 8.79
N ASN B 64 10.29 -21.32 9.97
CA ASN B 64 11.69 -21.23 10.44
C ASN B 64 11.98 -22.30 11.48
N GLU B 65 13.27 -22.69 11.58
CA GLU B 65 13.73 -23.64 12.60
C GLU B 65 14.04 -22.97 13.94
N GLU B 66 13.96 -21.64 14.02
CA GLU B 66 14.11 -20.87 15.24
C GLU B 66 12.96 -19.85 15.30
N THR B 67 12.72 -19.27 16.49
CA THR B 67 11.67 -18.25 16.66
C THR B 67 11.86 -17.08 15.68
N PHE B 68 10.75 -16.56 15.13
CA PHE B 68 10.78 -15.40 14.24
C PHE B 68 9.48 -14.59 14.38
N GLY B 69 9.47 -13.35 13.82
CA GLY B 69 8.28 -12.51 13.96
C GLY B 69 8.21 -11.30 13.03
N TYR B 70 7.04 -10.64 13.05
CA TYR B 70 6.77 -9.41 12.30
C TYR B 70 6.61 -8.22 13.26
N GLU B 71 7.26 -7.09 12.96
CA GLU B 71 7.07 -5.83 13.68
C GLU B 71 6.05 -4.96 12.93
N VAL B 72 5.05 -4.43 13.64
CA VAL B 72 3.95 -3.67 13.06
C VAL B 72 3.87 -2.28 13.70
N PRO B 73 3.94 -1.18 12.94
CA PRO B 73 3.66 0.14 13.52
C PRO B 73 2.15 0.39 13.64
N ILE B 74 1.72 0.91 14.80
CA ILE B 74 0.30 1.25 15.01
C ILE B 74 0.24 2.74 15.40
N LYS B 75 -0.37 3.55 14.53
CA LYS B 75 -0.24 5.00 14.63
C LYS B 75 -1.29 5.69 15.48
N GLU B 76 -2.49 5.11 15.70
CA GLU B 76 -3.53 5.75 16.52
C GLU B 76 -4.13 4.79 17.56
N GLU B 77 -4.59 5.36 18.68
CA GLU B 77 -5.30 4.58 19.69
C GLU B 77 -6.65 4.08 19.16
N GLY B 78 -7.15 2.99 19.74
CA GLY B 78 -8.48 2.49 19.42
C GLY B 78 -8.58 0.98 19.63
N ASP B 79 -9.72 0.42 19.16
CA ASP B 79 -9.98 -1.01 19.21
C ASP B 79 -9.58 -1.68 17.89
N TYR B 80 -8.89 -2.83 17.98
CA TYR B 80 -8.41 -3.55 16.80
C TYR B 80 -8.66 -5.06 16.95
N VAL B 81 -8.63 -5.78 15.82
CA VAL B 81 -8.64 -7.25 15.82
C VAL B 81 -7.55 -7.76 14.90
N LEU B 82 -6.69 -8.67 15.41
CA LEU B 82 -5.68 -9.38 14.63
C LEU B 82 -6.23 -10.73 14.18
N VAL B 83 -6.14 -11.03 12.86
CA VAL B 83 -6.52 -12.32 12.29
C VAL B 83 -5.27 -12.99 11.70
N LEU B 84 -5.04 -14.26 12.11
CA LEU B 84 -3.90 -15.07 11.65
C LEU B 84 -4.43 -16.30 10.88
N LYS B 85 -3.91 -16.52 9.66
CA LYS B 85 -4.37 -17.59 8.77
C LYS B 85 -3.32 -18.69 8.62
N PHE B 86 -3.74 -19.97 8.75
CA PHE B 86 -2.84 -21.14 8.71
C PHE B 86 -3.43 -22.30 7.89
N ALA B 87 -2.53 -23.19 7.41
CA ALA B 87 -2.87 -24.51 6.87
C ALA B 87 -1.67 -25.45 7.06
N GLU B 88 -1.96 -26.74 7.34
CA GLU B 88 -0.93 -27.79 7.42
C GLU B 88 -0.85 -28.54 6.09
N VAL B 89 0.19 -28.26 5.31
CA VAL B 89 0.34 -28.83 3.96
C VAL B 89 1.36 -29.98 3.90
N TYR B 90 1.83 -30.48 5.06
CA TYR B 90 2.80 -31.57 5.08
C TYR B 90 2.36 -32.75 5.97
N PHE B 91 2.13 -32.52 7.26
CA PHE B 91 1.77 -33.60 8.20
C PHE B 91 0.27 -33.93 8.18
N ALA B 92 -0.06 -35.14 8.70
CA ALA B 92 -1.47 -35.59 8.79
C ALA B 92 -1.68 -36.50 10.01
N GLN B 93 -1.01 -36.18 11.14
CA GLN B 93 -1.28 -36.74 12.46
C GLN B 93 -1.10 -35.63 13.50
N SER B 94 -1.69 -35.80 14.68
CA SER B 94 -1.53 -34.80 15.72
C SER B 94 -0.18 -34.95 16.41
N GLN B 95 0.23 -33.89 17.13
CA GLN B 95 1.51 -33.85 17.86
C GLN B 95 2.72 -34.08 16.94
N GLN B 96 2.68 -33.50 15.73
CA GLN B 96 3.83 -33.48 14.83
C GLN B 96 4.44 -32.08 14.72
N LYS B 97 3.61 -31.07 14.41
CA LYS B 97 3.98 -29.66 14.43
C LYS B 97 3.10 -28.92 15.44
N VAL B 98 3.72 -28.33 16.46
CA VAL B 98 3.03 -27.61 17.55
C VAL B 98 3.87 -26.39 17.94
N PHE B 99 3.23 -25.21 18.10
CA PHE B 99 3.96 -23.99 18.47
C PHE B 99 3.06 -22.95 19.15
N ASP B 100 3.68 -22.05 19.93
CA ASP B 100 3.00 -20.91 20.57
C ASP B 100 3.03 -19.67 19.68
N VAL B 101 2.07 -18.76 19.89
CA VAL B 101 2.07 -17.42 19.29
C VAL B 101 2.07 -16.38 20.42
N ARG B 102 2.99 -15.40 20.33
CA ARG B 102 3.13 -14.34 21.33
C ARG B 102 2.93 -12.95 20.72
N LEU B 103 2.35 -12.04 21.52
CA LEU B 103 2.15 -10.64 21.15
C LEU B 103 2.77 -9.76 22.22
N ASN B 104 3.85 -9.03 21.88
CA ASN B 104 4.62 -8.24 22.85
C ASN B 104 4.91 -9.04 24.13
N GLY B 105 5.22 -10.33 23.95
CA GLY B 105 5.54 -11.21 25.06
C GLY B 105 4.35 -11.98 25.66
N HIS B 106 3.12 -11.50 25.47
CA HIS B 106 1.94 -12.21 25.96
C HIS B 106 1.68 -13.43 25.09
N VAL B 107 1.53 -14.61 25.71
CA VAL B 107 1.16 -15.82 24.96
C VAL B 107 -0.34 -15.74 24.64
N VAL B 108 -0.67 -15.61 23.36
CA VAL B 108 -2.07 -15.46 22.95
C VAL B 108 -2.64 -16.72 22.27
N VAL B 109 -1.80 -17.64 21.78
CA VAL B 109 -2.25 -18.97 21.36
C VAL B 109 -1.25 -19.97 21.95
N LYS B 110 -1.73 -20.88 22.80
CA LYS B 110 -0.87 -21.87 23.44
C LYS B 110 -1.01 -23.23 22.76
N ASP B 111 0.13 -23.81 22.33
CA ASP B 111 0.20 -25.16 21.77
C ASP B 111 -0.72 -25.33 20.55
N LEU B 112 -0.57 -24.44 19.56
CA LEU B 112 -1.33 -24.56 18.31
C LEU B 112 -0.87 -25.78 17.52
N ASP B 113 -1.81 -26.70 17.25
CA ASP B 113 -1.62 -27.91 16.44
C ASP B 113 -2.64 -27.80 15.30
N ILE B 114 -2.20 -27.27 14.15
CA ILE B 114 -3.11 -26.97 13.03
C ILE B 114 -3.84 -28.24 12.57
N PHE B 115 -3.10 -29.35 12.35
CA PHE B 115 -3.75 -30.57 11.91
C PHE B 115 -4.82 -31.03 12.89
N ASP B 116 -4.55 -30.98 14.21
CA ASP B 116 -5.52 -31.50 15.17
C ASP B 116 -6.85 -30.73 15.09
N ARG B 117 -6.79 -29.42 14.83
CA ARG B 117 -8.00 -28.58 14.79
C ARG B 117 -8.83 -28.77 13.51
N VAL B 118 -8.18 -28.94 12.35
CA VAL B 118 -8.94 -28.89 11.09
C VAL B 118 -8.63 -29.99 10.06
N GLY B 119 -7.56 -30.77 10.24
CA GLY B 119 -7.14 -31.77 9.25
C GLY B 119 -6.00 -31.30 8.33
N HIS B 120 -5.73 -32.11 7.29
CA HIS B 120 -4.68 -31.86 6.29
C HIS B 120 -5.19 -30.96 5.16
N SER B 121 -4.37 -29.98 4.75
CA SER B 121 -4.66 -29.11 3.60
C SER B 121 -6.02 -28.40 3.73
N THR B 122 -6.27 -27.81 4.91
CA THR B 122 -7.54 -27.18 5.29
C THR B 122 -7.28 -25.87 6.05
N ALA B 123 -8.06 -24.82 5.74
CA ALA B 123 -7.90 -23.50 6.38
C ALA B 123 -8.27 -23.50 7.87
N HIS B 124 -7.45 -22.81 8.69
CA HIS B 124 -7.68 -22.54 10.12
C HIS B 124 -7.27 -21.11 10.45
N ASP B 125 -8.16 -20.33 11.07
CA ASP B 125 -7.85 -18.94 11.47
C ASP B 125 -7.95 -18.77 13.00
N GLU B 126 -7.03 -17.96 13.57
CA GLU B 126 -7.12 -17.49 14.96
C GLU B 126 -7.50 -16.02 14.98
N ILE B 127 -8.46 -15.64 15.84
CA ILE B 127 -9.04 -14.29 15.90
C ILE B 127 -8.76 -13.72 17.29
N ILE B 128 -7.98 -12.63 17.34
CA ILE B 128 -7.43 -12.08 18.60
C ILE B 128 -7.81 -10.61 18.79
N PRO B 129 -8.84 -10.27 19.59
CA PRO B 129 -9.16 -8.86 19.84
C PRO B 129 -8.17 -8.16 20.78
N MET B 130 -7.97 -6.86 20.55
CA MET B 130 -7.07 -6.06 21.40
C MET B 130 -7.54 -4.61 21.47
N SER B 131 -7.01 -3.88 22.45
CA SER B 131 -7.28 -2.45 22.58
C SER B 131 -5.99 -1.71 22.93
N ILE B 132 -5.84 -0.49 22.37
CA ILE B 132 -4.68 0.37 22.62
C ILE B 132 -5.19 1.73 23.12
N ARG B 133 -4.91 2.04 24.39
CA ARG B 133 -5.42 3.27 24.99
C ARG B 133 -4.61 3.60 26.24
N LYS B 134 -4.50 4.89 26.54
CA LYS B 134 -3.86 5.38 27.77
C LYS B 134 -2.42 4.87 27.90
N GLY B 135 -1.77 4.68 26.76
CA GLY B 135 -0.39 4.20 26.75
C GLY B 135 -0.21 2.71 26.95
N LYS B 136 -1.29 1.90 26.87
CA LYS B 136 -1.25 0.48 27.18
C LYS B 136 -1.81 -0.38 26.03
N LEU B 137 -1.27 -1.59 25.92
CA LEU B 137 -1.85 -2.69 25.13
C LEU B 137 -2.63 -3.63 26.06
N SER B 138 -3.89 -3.91 25.72
CA SER B 138 -4.72 -4.88 26.45
C SER B 138 -5.10 -6.02 25.52
N VAL B 139 -4.78 -7.25 25.93
CA VAL B 139 -5.09 -8.45 25.14
C VAL B 139 -5.29 -9.64 26.09
N GLN B 140 -6.41 -10.34 25.92
CA GLN B 140 -6.74 -11.55 26.71
C GLN B 140 -6.65 -11.31 28.21
N GLY B 141 -7.14 -10.16 28.66
CA GLY B 141 -7.14 -9.88 30.08
C GLY B 141 -5.79 -9.53 30.69
N GLU B 142 -4.76 -9.32 29.87
CA GLU B 142 -3.44 -8.87 30.34
C GLU B 142 -3.13 -7.49 29.78
N VAL B 143 -2.20 -6.78 30.43
CA VAL B 143 -1.91 -5.37 30.11
C VAL B 143 -0.39 -5.13 30.19
N SER B 144 0.14 -4.35 29.24
CA SER B 144 1.56 -3.92 29.28
C SER B 144 1.73 -2.59 28.52
N THR B 145 2.91 -1.96 28.70
CA THR B 145 3.18 -0.65 28.11
C THR B 145 3.34 -0.75 26.58
N PHE B 146 2.68 0.17 25.86
CA PHE B 146 2.75 0.21 24.39
C PHE B 146 3.56 1.41 23.93
N THR B 147 4.56 1.16 23.07
CA THR B 147 5.56 2.14 22.64
C THR B 147 5.37 2.63 21.21
N GLY B 148 4.41 2.09 20.46
CA GLY B 148 4.24 2.38 19.05
C GLY B 148 4.36 1.18 18.12
N LYS B 149 4.94 0.06 18.60
CA LYS B 149 5.22 -1.13 17.81
C LYS B 149 4.62 -2.37 18.45
N LEU B 150 3.98 -3.21 17.61
CA LEU B 150 3.51 -4.54 18.02
C LEU B 150 4.45 -5.60 17.43
N TYR B 151 4.88 -6.56 18.26
CA TYR B 151 5.76 -7.65 17.79
C TYR B 151 5.01 -8.98 17.85
N ILE B 152 4.71 -9.56 16.68
CA ILE B 152 3.96 -10.80 16.53
C ILE B 152 4.95 -11.94 16.30
N GLU B 153 5.05 -12.86 17.27
CA GLU B 153 6.11 -13.88 17.31
C GLU B 153 5.56 -15.30 17.19
N PHE B 154 6.23 -16.13 16.39
CA PHE B 154 5.91 -17.56 16.22
C PHE B 154 7.08 -18.36 16.79
N VAL B 155 6.82 -19.10 17.89
CA VAL B 155 7.87 -19.56 18.82
C VAL B 155 8.25 -21.02 18.53
N LYS B 156 9.57 -21.28 18.42
CA LYS B 156 10.07 -22.64 18.21
C LYS B 156 10.04 -23.46 19.50
N GLY B 157 9.29 -24.57 19.48
CA GLY B 157 9.30 -25.54 20.56
C GLY B 157 9.95 -26.85 20.19
N TYR B 158 9.47 -27.96 20.77
CA TYR B 158 10.08 -29.26 20.51
C TYR B 158 9.52 -30.01 19.30
N TYR B 159 8.34 -29.62 18.76
CA TYR B 159 7.65 -30.37 17.70
C TYR B 159 7.65 -29.59 16.37
N ASP B 160 8.60 -29.90 15.49
CA ASP B 160 8.81 -29.31 14.15
C ASP B 160 8.84 -27.77 14.25
N ASN B 161 8.42 -27.07 13.13
CA ASN B 161 8.74 -25.64 12.94
C ASN B 161 7.51 -24.73 12.98
N PRO B 162 7.60 -23.57 13.65
CA PRO B 162 6.53 -22.56 13.56
C PRO B 162 6.38 -22.00 12.14
N LYS B 163 5.15 -21.59 11.80
CA LYS B 163 4.80 -21.11 10.46
C LYS B 163 3.59 -20.17 10.50
N VAL B 164 3.40 -19.39 9.42
CA VAL B 164 2.20 -18.58 9.21
C VAL B 164 1.95 -18.44 7.70
N CYS B 165 0.67 -18.32 7.29
CA CYS B 165 0.31 -18.15 5.86
C CYS B 165 -0.13 -16.73 5.47
N ALA B 166 -0.95 -16.07 6.27
CA ALA B 166 -1.35 -14.68 6.02
C ALA B 166 -1.81 -14.04 7.33
N LEU B 167 -1.78 -12.70 7.42
CA LEU B 167 -2.18 -12.00 8.66
C LEU B 167 -2.68 -10.58 8.37
N TYR B 168 -3.76 -10.13 9.03
CA TYR B 168 -4.22 -8.74 8.90
C TYR B 168 -4.72 -8.18 10.23
N ILE B 169 -4.75 -6.84 10.31
CA ILE B 169 -5.27 -6.10 11.46
C ILE B 169 -6.31 -5.09 10.98
N MET B 170 -7.52 -5.13 11.56
CA MET B 170 -8.59 -4.18 11.23
C MET B 170 -9.03 -3.41 12.48
N ALA B 171 -9.49 -2.17 12.27
CA ALA B 171 -10.14 -1.41 13.34
C ALA B 171 -11.58 -1.89 13.55
N GLY B 172 -11.95 -2.17 14.81
CA GLY B 172 -13.28 -2.66 15.15
C GLY B 172 -13.23 -3.69 16.26
N THR B 173 -14.32 -4.45 16.42
CA THR B 173 -14.45 -5.51 17.43
C THR B 173 -14.81 -6.83 16.76
N VAL B 174 -14.93 -7.89 17.57
CA VAL B 174 -14.97 -9.26 17.04
C VAL B 174 -16.19 -9.52 16.14
N ASP B 175 -17.32 -8.87 16.42
CA ASP B 175 -18.51 -9.08 15.59
C ASP B 175 -18.35 -8.54 14.17
N ASP B 176 -17.35 -7.68 13.91
CA ASP B 176 -17.11 -7.11 12.59
C ASP B 176 -16.30 -8.00 11.66
N VAL B 177 -15.69 -9.07 12.18
CA VAL B 177 -14.71 -9.88 11.44
C VAL B 177 -15.39 -11.01 10.65
N PRO B 178 -15.10 -11.19 9.36
CA PRO B 178 -15.60 -12.36 8.63
C PRO B 178 -15.08 -13.68 9.22
N LYS B 179 -15.98 -14.65 9.38
CA LYS B 179 -15.67 -15.95 9.96
C LYS B 179 -15.62 -17.04 8.88
N LEU B 180 -14.71 -18.00 9.04
CA LEU B 180 -14.73 -19.20 8.19
C LEU B 180 -15.99 -20.02 8.48
N GLN B 181 -16.43 -20.81 7.49
CA GLN B 181 -17.61 -21.64 7.66
C GLN B 181 -17.37 -22.70 8.75
N PRO B 182 -18.43 -23.11 9.46
CA PRO B 182 -18.27 -24.20 10.44
C PRO B 182 -17.73 -25.46 9.79
N HIS B 183 -16.87 -26.18 10.52
CA HIS B 183 -16.12 -27.29 9.91
C HIS B 183 -15.93 -28.44 10.91
N PRO B 184 -16.17 -29.70 10.49
CA PRO B 184 -16.21 -30.89 11.36
C PRO B 184 -15.08 -30.98 12.37
#